data_1DIC
#
_entry.id   1DIC
#
_cell.length_a   56.300
_cell.length_b   51.570
_cell.length_c   39.840
_cell.angle_alpha   90.00
_cell.angle_beta   106.05
_cell.angle_gamma   90.00
#
_symmetry.space_group_name_H-M   'P 1 21 1'
#
loop_
_entity.id
_entity.type
_entity.pdbx_description
1 polymer 'FACTOR D'
2 non-polymer 3,4-DICHLOROISOCOUMARIN
3 non-polymer 'OXYGEN ATOM'
4 water water
#
_entity_poly.entity_id   1
_entity_poly.type   'polypeptide(L)'
_entity_poly.pdbx_seq_one_letter_code
;ILGGREAEAHARPYMASVQLNGAHLCGGVLVAEQWVLSAAHCLEDAADGKVQVLLGAHSLSQPEPSKRLYDVLRAVPHPD
SQPDTIDHDLLLLQLSEKATLGPAVRPLPWQRVDRDVAPGTLCDVAGWGIVNHAGRRPDSLQHVLLPVLDRATCNRRTHH
DGAITERLMCAESNRRDSCKGDSGGPLVCGGVLEGVVTSGSRVCGNRKKPGIYTRVASYAAWIDSVLA
;
_entity_poly.pdbx_strand_id   A
#
loop_
_chem_comp.id
_chem_comp.type
_chem_comp.name
_chem_comp.formula
DIC non-polymer 3,4-DICHLOROISOCOUMARIN 'C9 H4 Cl2 O2'
O non-polymer 'OXYGEN ATOM' O
#
# COMPACT_ATOMS: atom_id res chain seq x y z
N ILE A 1 7.73 2.25 -7.80
CA ILE A 1 7.85 0.85 -8.26
C ILE A 1 9.09 0.71 -9.16
N LEU A 2 9.95 -0.27 -8.88
CA LEU A 2 11.17 -0.52 -9.66
C LEU A 2 10.96 -1.75 -10.57
N GLY A 3 11.36 -1.66 -11.82
CA GLY A 3 11.21 -2.77 -12.74
C GLY A 3 9.80 -3.08 -13.18
N GLY A 4 8.92 -2.10 -13.08
CA GLY A 4 7.53 -2.33 -13.49
C GLY A 4 7.18 -1.61 -14.77
N ARG A 5 5.90 -1.38 -14.98
CA ARG A 5 5.44 -0.69 -16.16
C ARG A 5 4.19 0.12 -15.84
N GLU A 6 3.87 1.09 -16.69
CA GLU A 6 2.70 1.93 -16.45
C GLU A 6 1.46 1.08 -16.41
N ALA A 7 0.58 1.37 -15.47
CA ALA A 7 -0.63 0.60 -15.34
C ALA A 7 -1.67 1.06 -16.35
N GLU A 8 -2.59 0.16 -16.67
CA GLU A 8 -3.70 0.44 -17.58
C GLU A 8 -4.50 1.51 -16.85
N ALA A 9 -4.79 2.61 -17.54
CA ALA A 9 -5.51 3.71 -16.93
C ALA A 9 -6.83 3.31 -16.29
N HIS A 10 -6.92 3.60 -14.98
CA HIS A 10 -8.12 3.34 -14.18
C HIS A 10 -8.57 1.90 -14.09
N ALA A 11 -7.65 0.96 -14.32
CA ALA A 11 -7.96 -0.47 -14.25
C ALA A 11 -7.92 -1.01 -12.79
N ARG A 12 -7.48 -0.17 -11.86
CA ARG A 12 -7.40 -0.50 -10.44
C ARG A 12 -8.14 0.64 -9.73
N PRO A 13 -9.47 0.64 -9.80
CA PRO A 13 -10.32 1.68 -9.20
C PRO A 13 -10.21 1.89 -7.68
N TYR A 14 -9.54 0.98 -7.00
CA TYR A 14 -9.37 1.06 -5.55
C TYR A 14 -8.13 1.84 -5.17
N MET A 15 -7.30 2.14 -6.16
CA MET A 15 -6.04 2.83 -5.89
C MET A 15 -6.19 4.25 -5.38
N ALA A 16 -5.47 4.57 -4.32
CA ALA A 16 -5.52 5.91 -3.74
C ALA A 16 -4.16 6.51 -3.54
N SER A 17 -4.09 7.83 -3.65
CA SER A 17 -2.87 8.58 -3.40
C SER A 17 -3.15 9.42 -2.16
N VAL A 18 -2.36 9.18 -1.12
CA VAL A 18 -2.45 9.89 0.14
C VAL A 18 -1.48 11.05 -0.01
N GLN A 19 -2.02 12.26 0.05
CA GLN A 19 -1.26 13.49 -0.15
C GLN A 19 -1.10 14.36 1.08
N LEU A 20 0.03 15.06 1.15
CA LEU A 20 0.31 15.98 2.24
C LEU A 20 0.56 17.31 1.56
N ASN A 21 -0.34 18.26 1.77
CA ASN A 21 -0.22 19.59 1.16
C ASN A 21 -0.13 19.55 -0.37
N GLY A 22 -1.01 18.76 -0.99
CA GLY A 22 -1.04 18.67 -2.43
C GLY A 22 0.00 17.80 -3.12
N ALA A 23 0.89 17.19 -2.35
CA ALA A 23 1.94 16.33 -2.90
C ALA A 23 1.73 14.88 -2.52
N HIS A 24 1.92 13.97 -3.47
CA HIS A 24 1.78 12.55 -3.19
C HIS A 24 2.74 12.17 -2.08
N LEU A 25 2.27 11.39 -1.12
CA LEU A 25 3.09 10.96 0.01
C LEU A 25 3.16 9.42 0.09
N CYS A 26 2.01 8.78 0.09
CA CYS A 26 1.94 7.33 0.20
C CYS A 26 0.79 6.78 -0.61
N GLY A 27 0.84 5.48 -0.87
CA GLY A 27 -0.24 4.83 -1.58
C GLY A 27 -1.33 4.51 -0.53
N GLY A 28 -2.47 4.04 -1.01
CA GLY A 28 -3.59 3.71 -0.13
C GLY A 28 -4.54 2.85 -0.92
N VAL A 29 -5.48 2.20 -0.22
CA VAL A 29 -6.47 1.31 -0.85
C VAL A 29 -7.86 1.65 -0.32
N LEU A 30 -8.83 1.83 -1.21
CA LEU A 30 -10.20 2.11 -0.82
C LEU A 30 -10.81 0.75 -0.41
N VAL A 31 -11.19 0.63 0.86
CA VAL A 31 -11.77 -0.62 1.35
C VAL A 31 -13.27 -0.50 1.70
N ALA A 32 -13.80 0.71 1.67
CA ALA A 32 -15.20 0.97 1.96
C ALA A 32 -15.54 2.32 1.33
N GLU A 33 -16.81 2.67 1.23
CA GLU A 33 -17.18 3.94 0.62
C GLU A 33 -16.55 5.17 1.25
N GLN A 34 -16.31 5.14 2.55
CA GLN A 34 -15.74 6.29 3.23
C GLN A 34 -14.42 5.98 3.93
N TRP A 35 -13.77 4.88 3.60
CA TRP A 35 -12.52 4.49 4.27
C TRP A 35 -11.37 4.05 3.38
N VAL A 36 -10.19 4.59 3.66
CA VAL A 36 -8.97 4.25 2.95
C VAL A 36 -7.94 3.67 3.93
N LEU A 37 -7.34 2.54 3.53
CA LEU A 37 -6.30 1.87 4.31
C LEU A 37 -4.91 2.24 3.77
N SER A 38 -3.99 2.60 4.66
CA SER A 38 -2.60 2.97 4.32
C SER A 38 -1.66 2.49 5.45
N ALA A 39 -0.44 3.01 5.49
CA ALA A 39 0.54 2.64 6.50
C ALA A 39 0.68 3.76 7.52
N ALA A 40 0.80 3.38 8.80
CA ALA A 40 0.91 4.33 9.90
C ALA A 40 2.07 5.31 9.85
N HIS A 41 3.26 4.83 9.53
CA HIS A 41 4.42 5.72 9.48
C HIS A 41 4.33 6.83 8.44
N CYS A 42 3.34 6.74 7.55
CA CYS A 42 3.10 7.77 6.53
C CYS A 42 2.54 9.02 7.21
N LEU A 43 1.76 8.79 8.26
CA LEU A 43 1.13 9.86 9.03
C LEU A 43 2.17 10.51 9.94
N GLU A 44 3.16 9.73 10.35
CA GLU A 44 4.23 10.22 11.22
C GLU A 44 4.77 11.55 10.67
N ASP A 45 4.85 11.66 9.36
CA ASP A 45 5.32 12.88 8.71
C ASP A 45 4.13 13.72 8.22
N ALA A 46 3.06 13.06 7.83
CA ALA A 46 1.87 13.76 7.35
C ALA A 46 1.37 14.77 8.37
N ALA A 47 1.80 14.62 9.62
CA ALA A 47 1.40 15.51 10.70
C ALA A 47 1.75 16.97 10.44
N ASP A 48 2.70 17.22 9.55
CA ASP A 48 3.09 18.58 9.22
C ASP A 48 2.36 19.15 8.01
N GLY A 49 1.04 19.30 8.13
CA GLY A 49 0.24 19.84 7.06
C GLY A 49 -1.14 19.23 6.93
N LYS A 50 -1.79 19.46 5.78
CA LYS A 50 -3.13 18.97 5.49
C LYS A 50 -3.11 17.71 4.62
N VAL A 51 -3.71 16.63 5.14
CA VAL A 51 -3.77 15.33 4.46
C VAL A 51 -5.05 15.17 3.65
N GLN A 52 -4.90 14.76 2.39
CA GLN A 52 -6.02 14.56 1.48
C GLN A 52 -5.84 13.24 0.75
N VAL A 53 -6.91 12.75 0.14
CA VAL A 53 -6.88 11.49 -0.56
C VAL A 53 -7.39 11.68 -1.99
N LEU A 54 -6.55 11.32 -2.96
CA LEU A 54 -6.94 11.46 -4.36
C LEU A 54 -7.42 10.11 -4.87
N LEU A 55 -8.66 10.08 -5.36
CA LEU A 55 -9.25 8.86 -5.89
C LEU A 55 -9.55 9.02 -7.39
N GLY A 56 -9.65 7.90 -8.09
CA GLY A 56 -9.96 7.92 -9.52
C GLY A 56 -8.89 8.50 -10.43
N ALA A 57 -7.64 8.46 -9.99
CA ALA A 57 -6.57 9.04 -10.79
C ALA A 57 -5.68 8.04 -11.49
N HIS A 58 -5.05 8.50 -12.57
CA HIS A 58 -4.04 7.72 -13.27
C HIS A 58 -2.82 8.65 -13.24
N SER A 59 -3.02 9.88 -13.69
CA SER A 59 -1.99 10.89 -13.72
C SER A 59 -2.17 11.78 -12.50
N LEU A 60 -1.07 12.08 -11.81
CA LEU A 60 -1.13 12.96 -10.66
C LEU A 60 -1.32 14.42 -11.03
N SER A 61 -0.88 14.82 -12.23
CA SER A 61 -0.96 16.22 -12.65
C SER A 61 -2.00 16.65 -13.70
N GLN A 62 -2.49 15.71 -14.49
CA GLN A 62 -3.44 16.07 -15.52
C GLN A 62 -4.88 15.88 -15.09
N PRO A 63 -5.77 16.78 -15.53
CA PRO A 63 -7.18 16.66 -15.19
C PRO A 63 -7.78 15.40 -15.82
N GLU A 64 -8.62 14.72 -15.07
CA GLU A 64 -9.29 13.51 -15.52
C GLU A 64 -10.70 13.60 -14.96
N PRO A 65 -11.70 13.23 -15.75
CA PRO A 65 -13.09 13.30 -15.29
C PRO A 65 -13.37 12.53 -13.99
N SER A 66 -12.68 11.42 -13.78
CA SER A 66 -12.87 10.59 -12.59
C SER A 66 -12.13 11.04 -11.34
N LYS A 67 -11.16 11.93 -11.50
CA LYS A 67 -10.36 12.39 -10.36
C LYS A 67 -11.15 13.20 -9.36
N ARG A 68 -10.91 12.91 -8.08
CA ARG A 68 -11.60 13.59 -7.00
C ARG A 68 -10.69 13.65 -5.79
N LEU A 69 -10.50 14.84 -5.25
CA LEU A 69 -9.67 15.02 -4.08
C LEU A 69 -10.61 15.15 -2.85
N TYR A 70 -10.45 14.24 -1.90
CA TYR A 70 -11.27 14.20 -0.69
C TYR A 70 -10.51 14.63 0.56
N ASP A 71 -11.18 15.39 1.42
CA ASP A 71 -10.56 15.79 2.67
C ASP A 71 -10.70 14.60 3.64
N VAL A 72 -9.98 14.64 4.75
CA VAL A 72 -10.04 13.56 5.70
C VAL A 72 -10.66 14.01 7.03
N LEU A 73 -11.70 13.30 7.46
CA LEU A 73 -12.39 13.57 8.72
C LEU A 73 -11.48 13.15 9.89
N ARG A 74 -10.98 11.92 9.84
CA ARG A 74 -10.08 11.44 10.88
C ARG A 74 -9.11 10.34 10.43
N ALA A 75 -7.98 10.27 11.13
CA ALA A 75 -6.94 9.31 10.85
C ALA A 75 -6.83 8.41 12.06
N VAL A 76 -6.92 7.10 11.86
CA VAL A 76 -6.86 6.13 12.95
C VAL A 76 -5.71 5.14 12.80
N PRO A 77 -4.54 5.44 13.40
CA PRO A 77 -3.43 4.51 13.30
C PRO A 77 -3.71 3.32 14.21
N HIS A 78 -3.10 2.17 13.93
CA HIS A 78 -3.31 0.99 14.78
C HIS A 78 -2.75 1.33 16.18
N PRO A 79 -3.52 1.02 17.25
CA PRO A 79 -3.04 1.34 18.60
C PRO A 79 -1.68 0.80 19.06
N ASP A 80 -1.22 -0.31 18.51
CA ASP A 80 0.07 -0.88 18.90
C ASP A 80 1.26 -0.40 18.05
N SER A 81 1.03 0.42 17.03
CA SER A 81 2.15 0.88 16.20
C SER A 81 3.08 1.82 16.96
N GLN A 82 4.37 1.69 16.69
CA GLN A 82 5.40 2.51 17.32
C GLN A 82 6.29 3.07 16.23
N PRO A 83 6.89 4.26 16.47
CA PRO A 83 7.77 4.94 15.52
C PRO A 83 9.04 4.17 15.18
N ASP A 84 9.53 3.38 16.12
CA ASP A 84 10.77 2.65 15.88
C ASP A 84 10.61 1.21 15.40
N THR A 85 9.40 0.83 15.00
CA THR A 85 9.18 -0.54 14.57
C THR A 85 8.34 -0.63 13.33
N ILE A 86 8.36 -1.78 12.66
CA ILE A 86 7.54 -1.96 11.46
C ILE A 86 6.27 -2.80 11.75
N ASP A 87 6.07 -3.19 13.01
CA ASP A 87 4.88 -3.97 13.37
C ASP A 87 3.67 -3.07 13.42
N HIS A 88 2.52 -3.68 13.15
CA HIS A 88 1.22 -3.01 13.19
C HIS A 88 1.20 -1.70 12.44
N ASP A 89 1.87 -1.68 11.29
CA ASP A 89 1.97 -0.48 10.49
C ASP A 89 0.77 -0.20 9.59
N LEU A 90 -0.41 -0.08 10.19
CA LEU A 90 -1.64 0.17 9.45
C LEU A 90 -2.30 1.46 9.91
N LEU A 91 -3.04 2.08 9.00
CA LEU A 91 -3.70 3.34 9.28
C LEU A 91 -5.00 3.42 8.51
N LEU A 92 -6.08 3.80 9.18
CA LEU A 92 -7.37 3.93 8.50
C LEU A 92 -7.72 5.41 8.41
N LEU A 93 -8.07 5.86 7.21
CA LEU A 93 -8.41 7.25 6.99
C LEU A 93 -9.88 7.37 6.65
N GLN A 94 -10.61 8.19 7.41
CA GLN A 94 -12.01 8.39 7.13
C GLN A 94 -12.19 9.65 6.29
N LEU A 95 -12.76 9.50 5.11
CA LEU A 95 -12.98 10.61 4.19
C LEU A 95 -14.11 11.53 4.69
N SER A 96 -14.05 12.81 4.36
CA SER A 96 -15.04 13.77 4.80
C SER A 96 -16.44 13.38 4.35
N GLU A 97 -16.54 12.54 3.31
CA GLU A 97 -17.82 12.06 2.82
C GLU A 97 -17.63 10.79 2.03
N LYS A 98 -18.72 10.05 1.81
CA LYS A 98 -18.66 8.82 1.04
C LYS A 98 -18.16 9.12 -0.39
N ALA A 99 -17.29 8.26 -0.90
CA ALA A 99 -16.76 8.43 -2.23
C ALA A 99 -17.82 8.14 -3.28
N THR A 100 -17.89 9.00 -4.29
CA THR A 100 -18.82 8.80 -5.39
C THR A 100 -18.23 7.60 -6.14
N LEU A 101 -18.95 6.48 -6.16
CA LEU A 101 -18.44 5.30 -6.84
C LEU A 101 -18.75 5.29 -8.32
N GLY A 102 -17.95 4.54 -9.09
CA GLY A 102 -18.12 4.47 -10.52
C GLY A 102 -17.15 3.46 -11.07
N PRO A 103 -16.99 3.35 -12.41
CA PRO A 103 -16.05 2.39 -13.02
C PRO A 103 -14.59 2.66 -12.64
N ALA A 104 -14.26 3.93 -12.36
CA ALA A 104 -12.92 4.31 -12.01
C ALA A 104 -12.67 4.47 -10.50
N VAL A 105 -13.72 4.31 -9.69
CA VAL A 105 -13.60 4.43 -8.23
C VAL A 105 -14.49 3.34 -7.60
N ARG A 106 -13.86 2.32 -7.04
CA ARG A 106 -14.57 1.19 -6.45
C ARG A 106 -13.72 0.53 -5.32
N PRO A 107 -14.35 0.19 -4.17
CA PRO A 107 -13.59 -0.44 -3.08
C PRO A 107 -13.12 -1.85 -3.48
N LEU A 108 -12.08 -2.34 -2.83
CA LEU A 108 -11.57 -3.68 -3.11
C LEU A 108 -11.82 -4.64 -1.94
N PRO A 109 -12.31 -5.86 -2.20
CA PRO A 109 -12.55 -6.81 -1.12
C PRO A 109 -11.20 -7.16 -0.49
N TRP A 110 -11.17 -7.32 0.83
CA TRP A 110 -9.94 -7.65 1.51
C TRP A 110 -9.97 -9.03 2.16
N GLN A 111 -8.80 -9.63 2.35
CA GLN A 111 -8.68 -10.96 2.93
C GLN A 111 -8.94 -11.08 4.42
N ARG A 112 -9.91 -11.92 4.78
CA ARG A 112 -10.28 -12.15 6.18
C ARG A 112 -9.77 -13.50 6.70
N VAL A 113 -9.63 -14.48 5.81
CA VAL A 113 -9.15 -15.78 6.19
C VAL A 113 -7.66 -15.66 6.40
N ASP A 114 -7.25 -15.98 7.61
CA ASP A 114 -5.85 -15.92 8.02
C ASP A 114 -5.06 -17.13 7.55
N ARG A 115 -4.70 -17.15 6.27
CA ARG A 115 -3.92 -18.24 5.71
C ARG A 115 -2.88 -17.63 4.77
N ASP A 116 -1.66 -18.16 4.81
CA ASP A 116 -0.57 -17.67 3.94
C ASP A 116 -0.84 -17.97 2.47
N VAL A 117 -0.46 -17.03 1.60
CA VAL A 117 -0.60 -17.21 0.16
C VAL A 117 0.47 -18.24 -0.21
N ALA A 118 0.17 -19.13 -1.14
CA ALA A 118 1.10 -20.15 -1.58
C ALA A 118 2.39 -19.54 -2.18
N PRO A 119 3.55 -20.10 -1.81
CA PRO A 119 4.80 -19.56 -2.36
C PRO A 119 4.74 -19.59 -3.90
N GLY A 120 5.30 -18.57 -4.53
CA GLY A 120 5.30 -18.52 -5.98
C GLY A 120 4.10 -17.82 -6.59
N THR A 121 3.04 -17.63 -5.83
CA THR A 121 1.86 -16.95 -6.37
C THR A 121 2.28 -15.53 -6.80
N LEU A 122 1.77 -15.06 -7.93
CA LEU A 122 2.11 -13.72 -8.39
C LEU A 122 1.05 -12.74 -7.93
N CYS A 123 1.49 -11.72 -7.22
CA CYS A 123 0.60 -10.70 -6.70
C CYS A 123 0.97 -9.36 -7.33
N ASP A 124 -0.02 -8.50 -7.43
CA ASP A 124 0.17 -7.19 -8.07
C ASP A 124 0.29 -6.05 -7.06
N VAL A 125 1.33 -5.22 -7.23
CA VAL A 125 1.57 -4.05 -6.38
C VAL A 125 1.61 -2.86 -7.34
N ALA A 126 0.98 -1.77 -6.95
CA ALA A 126 0.94 -0.56 -7.78
C ALA A 126 1.25 0.66 -6.93
N GLY A 127 1.76 1.72 -7.55
CA GLY A 127 2.08 2.93 -6.82
C GLY A 127 2.70 4.01 -7.68
N TRP A 128 2.83 5.20 -7.11
CA TRP A 128 3.43 6.36 -7.76
C TRP A 128 4.79 6.64 -7.12
N GLY A 129 5.38 5.60 -6.51
CA GLY A 129 6.67 5.73 -5.86
C GLY A 129 7.83 5.84 -6.84
N ILE A 130 9.04 6.05 -6.34
CA ILE A 130 10.19 6.19 -7.22
C ILE A 130 10.40 5.00 -8.15
N VAL A 131 10.76 5.31 -9.40
CA VAL A 131 10.96 4.31 -10.45
C VAL A 131 12.41 3.87 -10.73
N ASN A 132 13.36 4.53 -10.08
CA ASN A 132 14.77 4.16 -10.21
C ASN A 132 15.53 4.61 -8.99
N HIS A 133 16.79 4.21 -8.89
CA HIS A 133 17.62 4.58 -7.73
C HIS A 133 17.95 6.07 -7.58
N ALA A 134 17.86 6.82 -8.67
CA ALA A 134 18.13 8.26 -8.66
C ALA A 134 17.01 9.01 -7.93
N GLY A 135 15.88 8.34 -7.76
CA GLY A 135 14.76 8.94 -7.06
C GLY A 135 13.73 9.57 -7.98
N ARG A 136 13.66 9.12 -9.23
CA ARG A 136 12.71 9.67 -10.19
C ARG A 136 11.28 9.28 -9.84
N ARG A 137 10.38 10.25 -9.85
CA ARG A 137 8.98 10.00 -9.52
C ARG A 137 8.13 10.06 -10.78
N PRO A 138 7.30 9.04 -11.02
CA PRO A 138 6.45 9.01 -12.21
C PRO A 138 5.21 9.90 -12.05
N ASP A 139 4.65 10.37 -13.15
CA ASP A 139 3.44 11.18 -13.08
C ASP A 139 2.23 10.24 -13.06
N SER A 140 2.37 9.10 -13.72
CA SER A 140 1.28 8.14 -13.82
C SER A 140 1.54 6.88 -13.01
N LEU A 141 0.46 6.17 -12.70
CA LEU A 141 0.51 4.94 -11.91
C LEU A 141 1.30 3.82 -12.58
N GLN A 142 2.21 3.23 -11.82
CA GLN A 142 3.03 2.11 -12.28
C GLN A 142 2.60 0.87 -11.51
N HIS A 143 3.01 -0.30 -11.98
CA HIS A 143 2.68 -1.55 -11.28
C HIS A 143 3.69 -2.64 -11.67
N VAL A 144 3.73 -3.71 -10.89
CA VAL A 144 4.65 -4.82 -11.14
C VAL A 144 4.08 -6.09 -10.49
N LEU A 145 4.27 -7.24 -11.14
CA LEU A 145 3.80 -8.50 -10.58
C LEU A 145 4.98 -9.10 -9.84
N LEU A 146 4.78 -9.49 -8.59
CA LEU A 146 5.86 -10.07 -7.79
C LEU A 146 5.42 -11.40 -7.17
N PRO A 147 6.32 -12.40 -7.16
CA PRO A 147 5.98 -13.71 -6.58
C PRO A 147 6.21 -13.71 -5.08
N VAL A 148 5.27 -14.31 -4.35
CA VAL A 148 5.34 -14.38 -2.89
C VAL A 148 6.38 -15.41 -2.43
N LEU A 149 7.12 -15.07 -1.38
CA LEU A 149 8.14 -15.92 -0.79
C LEU A 149 7.58 -16.74 0.38
N ASP A 150 8.00 -18.00 0.51
CA ASP A 150 7.54 -18.85 1.61
C ASP A 150 7.99 -18.20 2.92
N ARG A 151 7.20 -18.40 3.96
CA ARG A 151 7.48 -17.81 5.29
C ARG A 151 8.89 -18.05 5.82
N ALA A 152 9.35 -19.29 5.74
CA ALA A 152 10.66 -19.66 6.23
C ALA A 152 11.82 -18.92 5.56
N THR A 153 11.79 -18.85 4.22
CA THR A 153 12.86 -18.23 3.43
C THR A 153 13.19 -16.76 3.69
N CYS A 154 12.19 -15.99 4.08
CA CYS A 154 12.43 -14.58 4.31
C CYS A 154 13.22 -14.30 5.58
N ASN A 155 13.11 -15.22 6.53
CA ASN A 155 13.77 -15.11 7.82
C ASN A 155 15.24 -15.52 7.86
N ARG A 156 15.77 -15.96 6.72
CA ARG A 156 17.18 -16.35 6.61
C ARG A 156 18.10 -15.26 7.18
N ARG A 157 19.23 -15.69 7.76
CA ARG A 157 20.22 -14.77 8.34
C ARG A 157 20.66 -13.74 7.30
N THR A 158 20.82 -14.21 6.08
CA THR A 158 21.25 -13.39 4.96
C THR A 158 20.11 -12.49 4.41
N HIS A 159 18.93 -12.59 5.03
CA HIS A 159 17.77 -11.80 4.61
C HIS A 159 17.24 -10.99 5.80
N HIS A 160 16.02 -11.28 6.23
CA HIS A 160 15.41 -10.59 7.35
C HIS A 160 15.42 -11.56 8.52
N ASP A 161 16.60 -11.71 9.10
CA ASP A 161 16.86 -12.61 10.22
C ASP A 161 15.81 -12.48 11.33
N GLY A 162 14.76 -13.30 11.24
CA GLY A 162 13.70 -13.30 12.25
C GLY A 162 12.81 -12.08 12.32
N ALA A 163 13.06 -11.09 11.47
CA ALA A 163 12.28 -9.84 11.45
C ALA A 163 10.84 -10.02 10.98
N ILE A 164 10.58 -11.14 10.30
CA ILE A 164 9.26 -11.44 9.76
C ILE A 164 8.38 -12.25 10.73
N THR A 165 7.33 -11.62 11.25
CA THR A 165 6.41 -12.31 12.15
C THR A 165 5.27 -12.92 11.33
N GLU A 166 4.33 -13.58 12.00
CA GLU A 166 3.19 -14.20 11.32
C GLU A 166 2.27 -13.15 10.69
N ARG A 167 2.42 -11.90 11.09
CA ARG A 167 1.57 -10.84 10.53
C ARG A 167 2.23 -10.13 9.33
N LEU A 168 3.37 -10.65 8.91
CA LEU A 168 4.11 -10.05 7.80
C LEU A 168 4.29 -11.09 6.71
N MET A 169 4.41 -10.62 5.46
CA MET A 169 4.65 -11.51 4.33
C MET A 169 5.72 -10.86 3.45
N CYS A 170 6.39 -11.66 2.63
CA CYS A 170 7.43 -11.14 1.76
C CYS A 170 7.20 -11.50 0.32
N ALA A 171 7.76 -10.70 -0.58
CA ALA A 171 7.66 -10.99 -2.02
C ALA A 171 9.08 -10.84 -2.60
N GLU A 172 9.39 -11.59 -3.65
CA GLU A 172 10.71 -11.49 -4.25
C GLU A 172 11.02 -10.05 -4.67
N SER A 173 12.28 -9.65 -4.57
CA SER A 173 12.69 -8.31 -4.90
C SER A 173 13.86 -8.26 -5.89
N ASN A 174 13.97 -9.23 -6.77
CA ASN A 174 15.07 -9.24 -7.73
C ASN A 174 14.87 -8.28 -8.90
N ARG A 175 15.39 -7.06 -8.77
CA ARG A 175 15.28 -6.03 -9.82
C ARG A 175 13.87 -5.43 -9.97
N ARG A 176 12.87 -6.03 -9.33
CA ARG A 176 11.49 -5.54 -9.38
C ARG A 176 11.09 -5.45 -7.91
N ASP A 177 10.52 -4.32 -7.51
CA ASP A 177 10.18 -4.13 -6.10
C ASP A 177 9.30 -2.90 -5.93
N SER A 178 8.75 -2.77 -4.73
CA SER A 178 7.97 -1.60 -4.38
C SER A 178 9.09 -0.78 -3.71
N CYS A 179 8.97 0.53 -3.71
CA CYS A 179 10.03 1.35 -3.16
C CYS A 179 9.44 2.60 -2.51
N LYS A 180 10.31 3.56 -2.20
CA LYS A 180 9.88 4.83 -1.58
C LYS A 180 8.72 5.50 -2.30
N GLY A 181 7.67 5.82 -1.56
CA GLY A 181 6.49 6.46 -2.12
C GLY A 181 5.42 5.44 -2.47
N ASP A 182 5.74 4.16 -2.40
CA ASP A 182 4.78 3.07 -2.69
C ASP A 182 4.20 2.51 -1.39
N SER A 183 4.78 2.93 -0.27
CA SER A 183 4.34 2.46 1.05
C SER A 183 2.89 2.81 1.33
N GLY A 184 2.16 1.88 1.96
CA GLY A 184 0.74 2.09 2.23
C GLY A 184 -0.18 1.59 1.13
N GLY A 185 0.41 1.23 -0.02
CA GLY A 185 -0.34 0.75 -1.16
C GLY A 185 -0.67 -0.72 -1.09
N PRO A 186 -1.47 -1.22 -2.04
CA PRO A 186 -1.89 -2.62 -2.10
C PRO A 186 -1.02 -3.69 -2.76
N LEU A 187 -1.14 -4.90 -2.20
CA LEU A 187 -0.51 -6.10 -2.71
C LEU A 187 -1.77 -6.96 -2.92
N VAL A 188 -2.15 -7.14 -4.17
CA VAL A 188 -3.36 -7.88 -4.53
C VAL A 188 -3.05 -9.25 -5.13
N CYS A 189 -3.63 -10.31 -4.56
CA CYS A 189 -3.44 -11.67 -5.05
C CYS A 189 -4.81 -12.25 -5.35
N GLY A 190 -5.01 -12.66 -6.61
CA GLY A 190 -6.27 -13.26 -7.02
C GLY A 190 -7.44 -12.32 -6.86
N GLY A 191 -7.21 -11.03 -7.14
CA GLY A 191 -8.26 -10.02 -7.05
C GLY A 191 -8.72 -9.62 -5.65
N VAL A 192 -7.95 -9.99 -4.62
CA VAL A 192 -8.28 -9.66 -3.25
C VAL A 192 -7.09 -9.01 -2.58
N LEU A 193 -7.33 -8.04 -1.72
CA LEU A 193 -6.27 -7.36 -0.98
C LEU A 193 -5.69 -8.34 0.03
N GLU A 194 -4.41 -8.62 -0.09
CA GLU A 194 -3.73 -9.55 0.81
C GLU A 194 -2.79 -8.81 1.71
N GLY A 195 -2.14 -7.79 1.18
CA GLY A 195 -1.19 -7.04 1.96
C GLY A 195 -1.16 -5.55 1.67
N VAL A 196 -0.40 -4.85 2.50
CA VAL A 196 -0.21 -3.43 2.40
C VAL A 196 1.30 -3.24 2.46
N VAL A 197 1.86 -2.42 1.57
CA VAL A 197 3.29 -2.16 1.55
C VAL A 197 3.74 -1.49 2.86
N THR A 198 4.59 -2.17 3.60
CA THR A 198 5.08 -1.68 4.88
C THR A 198 6.00 -0.47 4.71
N SER A 199 5.88 0.48 5.64
CA SER A 199 6.71 1.68 5.67
C SER A 199 8.10 1.30 6.23
N GLY A 200 9.04 2.24 6.16
CA GLY A 200 10.36 1.96 6.69
C GLY A 200 11.41 2.03 5.62
N SER A 201 12.51 2.68 5.96
CA SER A 201 13.65 2.84 5.06
C SER A 201 14.28 1.47 4.78
N ARG A 202 14.47 1.15 3.51
CA ARG A 202 15.07 -0.14 3.11
C ARG A 202 15.48 -0.04 1.64
N VAL A 203 16.46 -0.86 1.26
CA VAL A 203 16.91 -0.89 -0.13
C VAL A 203 15.83 -1.57 -0.98
N CYS A 204 15.68 -1.10 -2.20
CA CYS A 204 14.71 -1.64 -3.13
C CYS A 204 15.43 -2.35 -4.27
N GLY A 205 14.82 -3.43 -4.77
CA GLY A 205 15.36 -4.18 -5.88
C GLY A 205 16.53 -5.09 -5.60
N ASN A 206 16.86 -5.27 -4.32
CA ASN A 206 17.95 -6.13 -3.90
C ASN A 206 17.37 -7.48 -3.53
N ARG A 207 17.70 -8.52 -4.29
CA ARG A 207 17.18 -9.86 -4.04
C ARG A 207 17.49 -10.48 -2.66
N LYS A 208 18.55 -9.99 -1.98
CA LYS A 208 18.91 -10.50 -0.66
C LYS A 208 18.02 -9.92 0.43
N LYS A 209 17.33 -8.81 0.12
CA LYS A 209 16.45 -8.16 1.08
C LYS A 209 15.06 -7.98 0.47
N PRO A 210 14.22 -9.04 0.54
CA PRO A 210 12.85 -9.05 0.00
C PRO A 210 11.98 -7.93 0.52
N GLY A 211 10.95 -7.58 -0.25
CA GLY A 211 10.02 -6.54 0.15
C GLY A 211 9.14 -7.12 1.23
N ILE A 212 8.68 -6.27 2.15
CA ILE A 212 7.85 -6.71 3.28
C ILE A 212 6.47 -6.05 3.18
N TYR A 213 5.41 -6.85 3.38
CA TYR A 213 4.03 -6.39 3.33
C TYR A 213 3.29 -6.84 4.61
N THR A 214 2.44 -5.97 5.12
CA THR A 214 1.64 -6.27 6.32
C THR A 214 0.38 -7.08 5.91
N ARG A 215 0.19 -8.24 6.50
CA ARG A 215 -0.99 -9.04 6.15
C ARG A 215 -2.26 -8.47 6.79
N VAL A 216 -3.26 -8.13 5.96
CA VAL A 216 -4.50 -7.54 6.47
C VAL A 216 -5.42 -8.51 7.20
N ALA A 217 -5.32 -9.79 6.86
CA ALA A 217 -6.14 -10.82 7.51
C ALA A 217 -5.88 -10.86 9.01
N SER A 218 -4.62 -10.59 9.40
CA SER A 218 -4.23 -10.58 10.79
C SER A 218 -4.88 -9.44 11.57
N TYR A 219 -5.41 -8.45 10.86
CA TYR A 219 -6.00 -7.27 11.47
C TYR A 219 -7.47 -7.12 11.19
N ALA A 220 -8.10 -8.20 10.74
CA ALA A 220 -9.53 -8.20 10.41
C ALA A 220 -10.39 -7.63 11.54
N ALA A 221 -10.06 -8.01 12.79
CA ALA A 221 -10.81 -7.55 13.97
C ALA A 221 -10.63 -6.06 14.20
N TRP A 222 -9.43 -5.53 13.97
CA TRP A 222 -9.22 -4.12 14.17
C TRP A 222 -9.95 -3.31 13.08
N ILE A 223 -9.86 -3.77 11.84
CA ILE A 223 -10.53 -3.05 10.75
C ILE A 223 -12.05 -3.03 10.99
N ASP A 224 -12.60 -4.21 11.26
CA ASP A 224 -14.04 -4.31 11.54
C ASP A 224 -14.48 -3.36 12.63
N SER A 225 -13.67 -3.21 13.68
CA SER A 225 -14.03 -2.34 14.79
C SER A 225 -13.99 -0.85 14.45
N VAL A 226 -13.04 -0.46 13.61
CA VAL A 226 -12.95 0.92 13.23
C VAL A 226 -14.06 1.33 12.27
N LEU A 227 -14.44 0.44 11.35
CA LEU A 227 -15.48 0.74 10.37
C LEU A 227 -16.91 0.67 10.92
N ALA A 228 -17.08 -0.05 12.02
CA ALA A 228 -18.37 -0.24 12.68
C ALA A 228 -19.03 1.08 13.10
C1 DIC B . 11.23 1.60 0.71
C2 DIC B . 11.24 2.88 1.29
C3 DIC B . 10.07 3.41 1.86
C4 DIC B . 8.87 2.61 1.84
C5 DIC B . 8.88 1.33 1.25
C6 DIC B . 10.06 0.83 0.69
C7 DIC B . 7.61 3.10 2.46
O7 DIC B . 7.50 3.78 3.50
C8 DIC B . 10.13 4.85 2.47
C9 DIC B . 9.02 5.82 1.97
O O C . 8.23 5.43 1.09
O O D . 8.92 6.96 2.48
#